data_8WPQ
#
_entry.id   8WPQ
#
_cell.length_a   61.186
_cell.length_b   61.186
_cell.length_c   173.858
_cell.angle_alpha   90.00
_cell.angle_beta   90.00
_cell.angle_gamma   120.00
#
_symmetry.space_group_name_H-M   'P 31 2 1'
#
loop_
_entity.id
_entity.type
_entity.pdbx_description
1 polymer McyI
2 non-polymer NICOTINAMIDE-ADENINE-DINUCLEOTIDE
3 non-polymer 'CITRATE ANION'
4 water water
#
_entity_poly.entity_id   1
_entity_poly.type   'polypeptide(L)'
_entity_poly.pdbx_seq_one_letter_code
;MGSSHHHHHHSSGLVPRGSHMTIIYPPKNFPSKTKNHKVLLIGKMYDEIGEKLLAEYTNVEIIKEPKQHQIHEAIQDVSG
VFVRYPTKLDAQAIGLAKNLKVISTSGFGTDAIDIAAATKRGIVVVNNPGLSTTAVTEHTLSMILALAKKLTFLNQCVKA
GNYLIRNQVQPIQLEGKTLGIVGLGMIGSAVAKICSTALQMRVLAYDPYVPSGKADTVRATLVQDLDYLLTESDFVSLHP
ELTDETCEMFDLEAFKKMKPSAFLINTSRGKVVRQPDLVTAIREKLIAGAAIDVFEPEPPAINNPLYEFDNVIFSPHLAG
VTPEAGMAAALSAANQILQVLQGEKPPYIINPKVWNS
;
_entity_poly.pdbx_strand_id   A
#
loop_
_chem_comp.id
_chem_comp.type
_chem_comp.name
_chem_comp.formula
FLC non-polymer 'CITRATE ANION' 'C6 H5 O7 -3'
NAD non-polymer NICOTINAMIDE-ADENINE-DINUCLEOTIDE 'C21 H27 N7 O14 P2'
#
# COMPACT_ATOMS: atom_id res chain seq x y z
N HIS A 37 13.50 18.34 25.28
CA HIS A 37 12.77 17.44 24.40
C HIS A 37 13.43 17.35 23.02
N LYS A 38 13.89 16.16 22.65
CA LYS A 38 14.49 15.91 21.35
C LYS A 38 13.73 14.81 20.63
N VAL A 39 13.70 14.90 19.30
CA VAL A 39 12.99 13.96 18.45
C VAL A 39 13.93 13.49 17.35
N LEU A 40 13.91 12.19 17.07
CA LEU A 40 14.73 11.59 16.02
C LEU A 40 13.86 11.17 14.84
N LEU A 41 14.29 11.55 13.64
CA LEU A 41 13.56 11.26 12.39
C LEU A 41 14.34 10.20 11.63
N ILE A 42 13.98 8.93 11.86
CA ILE A 42 14.61 7.83 11.14
C ILE A 42 14.02 7.81 9.73
N GLY A 43 14.70 8.49 8.81
CA GLY A 43 14.16 8.68 7.48
C GLY A 43 13.41 9.99 7.37
N LYS A 44 13.50 10.64 6.20
CA LYS A 44 12.75 11.86 5.96
C LYS A 44 11.25 11.57 5.95
N MET A 45 10.47 12.57 6.35
CA MET A 45 9.04 12.47 6.14
C MET A 45 8.72 12.66 4.65
N TYR A 46 7.51 12.26 4.27
CA TYR A 46 7.11 12.41 2.88
C TYR A 46 6.96 13.87 2.47
N ASP A 47 7.04 14.79 3.42
CA ASP A 47 7.05 16.22 3.14
C ASP A 47 7.74 16.91 4.30
N GLU A 48 8.51 17.96 3.98
CA GLU A 48 9.31 18.66 4.98
C GLU A 48 8.49 19.57 5.87
N ILE A 49 7.18 19.68 5.67
CA ILE A 49 6.36 20.54 6.52
C ILE A 49 6.20 19.93 7.91
N GLY A 50 6.09 18.60 7.99
CA GLY A 50 6.01 17.95 9.29
C GLY A 50 7.29 18.07 10.09
N GLU A 51 8.42 18.20 9.41
CA GLU A 51 9.70 18.34 10.10
C GLU A 51 9.88 19.74 10.67
N LYS A 52 9.41 20.76 9.95
CA LYS A 52 9.42 22.12 10.50
C LYS A 52 8.43 22.27 11.64
N LEU A 53 7.29 21.58 11.56
CA LEU A 53 6.32 21.62 12.65
C LEU A 53 6.89 21.01 13.91
N LEU A 54 7.81 20.04 13.79
CA LEU A 54 8.49 19.49 14.94
C LEU A 54 9.68 20.34 15.37
N ALA A 55 10.36 20.98 14.42
CA ALA A 55 11.51 21.80 14.76
C ALA A 55 11.11 23.04 15.56
N GLU A 56 9.87 23.50 15.40
CA GLU A 56 9.39 24.66 16.15
C GLU A 56 9.22 24.35 17.64
N TYR A 57 9.08 23.08 18.01
CA TYR A 57 8.79 22.72 19.39
C TYR A 57 9.82 21.79 20.03
N THR A 58 10.67 21.12 19.25
CA THR A 58 11.67 20.20 19.78
C THR A 58 12.96 20.30 18.98
N ASN A 59 14.01 19.68 19.51
CA ASN A 59 15.30 19.58 18.82
CA ASN A 59 15.30 19.58 18.82
C ASN A 59 15.29 18.32 17.96
N VAL A 60 15.43 18.51 16.65
CA VAL A 60 15.23 17.44 15.68
C VAL A 60 16.53 17.12 14.97
N GLU A 61 16.87 15.84 14.91
CA GLU A 61 17.91 15.32 14.02
C GLU A 61 17.27 14.38 13.02
N ILE A 62 17.77 14.42 11.78
CA ILE A 62 17.25 13.60 10.70
C ILE A 62 18.40 12.76 10.15
N ILE A 63 18.15 11.46 9.97
CA ILE A 63 19.14 10.55 9.39
C ILE A 63 18.47 9.82 8.23
N LYS A 64 19.14 9.81 7.08
CA LYS A 64 18.58 9.24 5.86
C LYS A 64 19.28 7.91 5.57
N GLU A 65 18.49 6.84 5.49
CA GLU A 65 18.99 5.48 5.23
C GLU A 65 20.16 5.13 6.14
N PRO A 66 19.93 5.06 7.44
CA PRO A 66 21.06 4.90 8.38
C PRO A 66 21.52 3.45 8.50
N LYS A 67 22.78 3.30 8.92
CA LYS A 67 23.25 2.04 9.45
C LYS A 67 22.70 1.85 10.87
N GLN A 68 22.85 0.63 11.39
CA GLN A 68 22.33 0.37 12.73
C GLN A 68 23.09 1.15 13.79
N HIS A 69 24.38 1.44 13.57
CA HIS A 69 25.13 2.20 14.55
C HIS A 69 24.66 3.64 14.62
N GLN A 70 24.26 4.23 13.48
CA GLN A 70 23.74 5.59 13.50
C GLN A 70 22.45 5.67 14.31
N ILE A 71 21.61 4.66 14.21
CA ILE A 71 20.38 4.64 15.00
C ILE A 71 20.71 4.54 16.49
N HIS A 72 21.65 3.67 16.85
CA HIS A 72 21.96 3.44 18.25
C HIS A 72 22.47 4.71 18.93
N GLU A 73 23.30 5.48 18.24
CA GLU A 73 23.87 6.68 18.85
C GLU A 73 22.87 7.82 18.94
N ALA A 74 22.01 7.97 17.94
CA ALA A 74 21.12 9.13 17.84
C ALA A 74 19.79 8.95 18.57
N ILE A 75 19.59 7.83 19.26
CA ILE A 75 18.30 7.52 19.87
C ILE A 75 18.38 7.45 21.39
N GLN A 76 19.55 7.66 21.97
CA GLN A 76 19.73 7.45 23.41
C GLN A 76 18.88 8.42 24.23
N ASP A 77 19.08 9.73 24.04
CA ASP A 77 18.37 10.74 24.79
C ASP A 77 17.10 11.23 24.11
N VAL A 78 16.83 10.73 22.90
CA VAL A 78 15.72 11.22 22.10
C VAL A 78 14.39 10.86 22.77
N SER A 79 13.42 11.77 22.68
CA SER A 79 12.12 11.60 23.33
C SER A 79 11.02 11.16 22.37
N GLY A 80 11.17 11.43 21.07
CA GLY A 80 10.20 10.97 20.09
C GLY A 80 10.89 10.44 18.86
N VAL A 81 10.28 9.43 18.25
CA VAL A 81 10.87 8.75 17.10
C VAL A 81 9.85 8.71 15.96
N PHE A 82 10.28 9.12 14.77
CA PHE A 82 9.53 8.91 13.54
C PHE A 82 10.28 7.90 12.68
N VAL A 83 9.54 6.95 12.13
CA VAL A 83 10.11 5.88 11.32
C VAL A 83 9.51 5.95 9.93
N ARG A 84 10.37 6.02 8.91
CA ARG A 84 9.94 6.06 7.52
C ARG A 84 9.82 4.64 6.98
N TYR A 85 8.63 4.29 6.51
CA TYR A 85 8.37 2.97 5.98
C TYR A 85 9.33 2.67 4.82
N PRO A 86 9.86 1.43 4.72
CA PRO A 86 9.63 0.32 5.64
C PRO A 86 10.81 -0.02 6.54
N THR A 87 11.62 0.95 6.93
CA THR A 87 12.76 0.66 7.79
C THR A 87 12.27 0.18 9.15
N LYS A 88 13.12 -0.59 9.82
CA LYS A 88 12.71 -1.38 10.98
C LYS A 88 13.24 -0.79 12.27
N LEU A 89 12.37 -0.69 13.28
CA LEU A 89 12.75 -0.32 14.64
C LEU A 89 12.78 -1.60 15.46
N ASP A 90 13.97 -2.01 15.89
CA ASP A 90 14.21 -3.28 16.56
CA ASP A 90 14.10 -3.28 16.57
C ASP A 90 14.16 -3.12 18.08
N ALA A 91 14.15 -4.25 18.77
CA ALA A 91 14.11 -4.25 20.24
C ALA A 91 15.40 -3.69 20.84
N GLN A 92 16.53 -3.83 20.14
CA GLN A 92 17.78 -3.25 20.64
C GLN A 92 17.70 -1.72 20.64
N ALA A 93 17.29 -1.14 19.51
CA ALA A 93 17.20 0.32 19.42
C ALA A 93 16.18 0.87 20.41
N ILE A 94 15.04 0.20 20.55
CA ILE A 94 14.05 0.62 21.54
C ILE A 94 14.62 0.49 22.95
N GLY A 95 15.43 -0.54 23.18
CA GLY A 95 16.02 -0.72 24.50
C GLY A 95 17.04 0.35 24.86
N LEU A 96 17.76 0.87 23.87
CA LEU A 96 18.76 1.89 24.12
C LEU A 96 18.16 3.28 24.31
N ALA A 97 16.92 3.50 23.88
CA ALA A 97 16.27 4.79 23.97
C ALA A 97 15.70 4.98 25.37
N LYS A 98 16.39 5.80 26.18
CA LYS A 98 16.03 5.91 27.58
C LYS A 98 14.86 6.86 27.81
N ASN A 99 14.80 7.96 27.06
CA ASN A 99 13.76 8.97 27.24
C ASN A 99 12.63 8.84 26.22
N LEU A 100 12.64 7.78 25.42
CA LEU A 100 11.66 7.65 24.34
C LEU A 100 10.26 7.41 24.90
N LYS A 101 9.30 8.19 24.41
CA LYS A 101 7.92 8.09 24.87
C LYS A 101 6.89 7.96 23.77
N VAL A 102 7.26 8.15 22.50
CA VAL A 102 6.30 8.05 21.40
C VAL A 102 7.03 7.61 20.14
N ILE A 103 6.42 6.71 19.39
CA ILE A 103 6.92 6.24 18.11
C ILE A 103 5.82 6.44 17.07
N SER A 104 6.18 6.99 15.92
CA SER A 104 5.23 7.22 14.84
C SER A 104 5.78 6.62 13.55
N THR A 105 4.97 5.79 12.90
CA THR A 105 5.29 5.34 11.56
C THR A 105 4.93 6.43 10.55
N SER A 106 5.36 6.22 9.30
CA SER A 106 5.06 7.19 8.26
C SER A 106 3.67 7.01 7.68
N GLY A 107 3.06 5.84 7.84
CA GLY A 107 1.75 5.56 7.26
C GLY A 107 1.00 4.53 8.06
N PHE A 108 0.36 3.60 7.36
CA PHE A 108 -0.47 2.60 8.03
C PHE A 108 0.35 1.44 8.57
N GLY A 109 1.40 1.04 7.86
CA GLY A 109 2.08 -0.20 8.18
C GLY A 109 2.91 -0.08 9.46
N THR A 110 2.70 -1.02 10.37
CA THR A 110 3.51 -1.13 11.59
C THR A 110 4.25 -2.47 11.64
N ASP A 111 4.25 -3.25 10.55
CA ASP A 111 4.90 -4.55 10.54
C ASP A 111 6.43 -4.46 10.63
N ALA A 112 7.00 -3.26 10.57
CA ALA A 112 8.44 -3.08 10.72
C ALA A 112 8.83 -2.54 12.10
N ILE A 113 7.85 -2.27 12.96
CA ILE A 113 8.12 -1.82 14.32
C ILE A 113 8.00 -3.01 15.26
N ASP A 114 8.91 -3.09 16.23
CA ASP A 114 8.78 -4.09 17.30
C ASP A 114 7.83 -3.52 18.34
N ILE A 115 6.54 -3.66 18.07
CA ILE A 115 5.51 -3.12 18.95
C ILE A 115 5.56 -3.80 20.30
N ALA A 116 5.88 -5.09 20.33
CA ALA A 116 5.96 -5.83 21.59
C ALA A 116 7.00 -5.22 22.51
N ALA A 117 8.22 -5.03 22.01
CA ALA A 117 9.26 -4.42 22.82
C ALA A 117 8.87 -3.02 23.29
N ALA A 118 8.13 -2.28 22.47
CA ALA A 118 7.68 -0.94 22.84
C ALA A 118 6.56 -0.96 23.86
N THR A 119 5.68 -1.97 23.81
CA THR A 119 4.63 -2.05 24.81
C THR A 119 5.20 -2.42 26.17
N LYS A 120 6.19 -3.33 26.19
CA LYS A 120 6.82 -3.71 27.45
C LYS A 120 7.33 -2.49 28.21
N ARG A 121 7.91 -1.53 27.50
CA ARG A 121 8.40 -0.29 28.09
C ARG A 121 7.32 0.78 28.15
N GLY A 122 6.09 0.47 27.76
CA GLY A 122 5.00 1.43 27.82
C GLY A 122 5.10 2.56 26.82
N ILE A 123 5.82 2.37 25.72
CA ILE A 123 6.01 3.43 24.74
C ILE A 123 4.81 3.45 23.78
N VAL A 124 4.30 4.65 23.50
CA VAL A 124 3.18 4.82 22.60
C VAL A 124 3.66 4.65 21.17
N VAL A 125 3.05 3.72 20.45
CA VAL A 125 3.27 3.56 19.01
C VAL A 125 2.04 4.09 18.30
N VAL A 126 2.27 4.97 17.33
CA VAL A 126 1.19 5.71 16.68
C VAL A 126 1.22 5.41 15.18
N ASN A 127 0.04 5.44 14.58
CA ASN A 127 -0.17 5.16 13.16
C ASN A 127 -0.50 6.45 12.42
N ASN A 128 -0.66 6.34 11.10
CA ASN A 128 -1.11 7.46 10.26
C ASN A 128 -1.88 6.92 9.06
N PRO A 129 -3.08 6.38 9.28
CA PRO A 129 -3.81 5.75 8.19
C PRO A 129 -4.86 6.65 7.55
N GLY A 130 -5.26 6.33 6.31
CA GLY A 130 -6.41 6.97 5.69
C GLY A 130 -6.20 8.39 5.21
N LEU A 131 -4.95 8.80 4.96
CA LEU A 131 -4.67 10.13 4.45
C LEU A 131 -4.33 10.13 2.96
N SER A 132 -4.44 8.98 2.30
CA SER A 132 -3.99 8.85 0.92
C SER A 132 -5.04 8.19 0.04
N THR A 133 -6.32 8.32 0.40
CA THR A 133 -7.38 7.67 -0.36
C THR A 133 -7.36 8.09 -1.82
N THR A 134 -7.28 9.41 -2.07
CA THR A 134 -7.31 9.89 -3.44
C THR A 134 -6.05 9.49 -4.21
N ALA A 135 -4.90 9.43 -3.53
CA ALA A 135 -3.67 9.06 -4.22
C ALA A 135 -3.72 7.63 -4.72
N VAL A 136 -4.25 6.71 -3.92
CA VAL A 136 -4.27 5.31 -4.32
C VAL A 136 -5.34 5.07 -5.37
N THR A 137 -6.46 5.79 -5.30
CA THR A 137 -7.49 5.68 -6.33
C THR A 137 -6.92 6.05 -7.70
N GLU A 138 -6.24 7.19 -7.79
CA GLU A 138 -5.62 7.57 -9.06
C GLU A 138 -4.60 6.53 -9.49
N HIS A 139 -3.84 5.98 -8.54
CA HIS A 139 -2.79 5.04 -8.90
C HIS A 139 -3.36 3.73 -9.41
N THR A 140 -4.47 3.28 -8.83
CA THR A 140 -5.13 2.07 -9.30
C THR A 140 -5.67 2.27 -10.71
N LEU A 141 -6.27 3.43 -10.98
CA LEU A 141 -6.74 3.74 -12.32
C LEU A 141 -5.58 3.75 -13.32
N SER A 142 -4.45 4.34 -12.93
CA SER A 142 -3.29 4.35 -13.82
C SER A 142 -2.87 2.94 -14.18
N MET A 143 -2.82 2.05 -13.20
CA MET A 143 -2.35 0.69 -13.46
C MET A 143 -3.39 -0.14 -14.20
N ILE A 144 -4.68 0.07 -13.90
CA ILE A 144 -5.72 -0.63 -14.66
C ILE A 144 -5.63 -0.26 -16.13
N LEU A 145 -5.52 1.05 -16.41
CA LEU A 145 -5.40 1.51 -17.79
C LEU A 145 -4.08 1.08 -18.41
N ALA A 146 -3.01 1.02 -17.62
CA ALA A 146 -1.72 0.61 -18.16
C ALA A 146 -1.76 -0.83 -18.63
N LEU A 147 -2.34 -1.72 -17.83
CA LEU A 147 -2.49 -3.11 -18.25
C LEU A 147 -3.40 -3.24 -19.47
N ALA A 148 -4.49 -2.48 -19.48
CA ALA A 148 -5.47 -2.60 -20.58
C ALA A 148 -4.90 -2.06 -21.88
N LYS A 149 -4.19 -0.95 -21.83
CA LYS A 149 -3.61 -0.35 -23.02
C LYS A 149 -2.22 -0.88 -23.34
N LYS A 150 -1.74 -1.87 -22.57
CA LYS A 150 -0.46 -2.53 -22.83
C LYS A 150 0.66 -1.50 -22.91
N LEU A 151 0.71 -0.61 -21.92
CA LEU A 151 1.57 0.56 -21.96
C LEU A 151 3.04 0.16 -22.09
N THR A 152 3.56 -0.58 -21.12
CA THR A 152 5.00 -0.84 -21.08
C THR A 152 5.45 -1.71 -22.26
N PHE A 153 4.62 -2.68 -22.65
CA PHE A 153 4.97 -3.54 -23.79
C PHE A 153 5.09 -2.73 -25.08
N LEU A 154 4.04 -1.98 -25.41
CA LEU A 154 4.05 -1.18 -26.64
C LEU A 154 5.13 -0.12 -26.62
N ASN A 155 5.55 0.33 -25.43
CA ASN A 155 6.59 1.35 -25.37
C ASN A 155 7.94 0.80 -25.82
N GLN A 156 8.29 -0.41 -25.38
CA GLN A 156 9.58 -0.98 -25.76
C GLN A 156 9.60 -1.35 -27.24
N CYS A 157 8.47 -1.78 -27.81
CA CYS A 157 8.43 -2.13 -29.22
C CYS A 157 8.74 -0.93 -30.09
N VAL A 158 8.18 0.24 -29.76
CA VAL A 158 8.44 1.42 -30.57
C VAL A 158 9.88 1.90 -30.39
N LYS A 159 10.37 1.91 -29.15
CA LYS A 159 11.76 2.28 -28.91
C LYS A 159 12.73 1.33 -29.59
N ALA A 160 12.36 0.05 -29.68
CA ALA A 160 13.16 -0.94 -30.39
C ALA A 160 12.79 -1.03 -31.88
N GLY A 161 12.12 -0.01 -32.41
CA GLY A 161 11.84 0.06 -33.83
C GLY A 161 10.77 -0.89 -34.34
N ASN A 162 10.01 -1.52 -33.46
CA ASN A 162 8.98 -2.49 -33.87
C ASN A 162 7.60 -1.84 -33.85
N TYR A 163 7.48 -0.75 -34.63
CA TYR A 163 6.18 -0.11 -34.81
C TYR A 163 5.15 -1.07 -35.39
N LEU A 164 5.59 -2.05 -36.18
CA LEU A 164 4.70 -3.03 -36.79
C LEU A 164 4.06 -3.96 -35.77
N ILE A 165 4.34 -3.82 -34.47
CA ILE A 165 3.68 -4.64 -33.47
C ILE A 165 2.18 -4.37 -33.44
N ARG A 166 1.74 -3.22 -33.98
CA ARG A 166 0.33 -2.91 -34.06
C ARG A 166 -0.43 -3.83 -35.02
N ASN A 167 0.26 -4.80 -35.62
CA ASN A 167 -0.40 -5.82 -36.43
C ASN A 167 -0.60 -7.13 -35.67
N GLN A 168 0.00 -7.27 -34.49
CA GLN A 168 -0.09 -8.49 -33.69
C GLN A 168 -0.90 -8.31 -32.42
N VAL A 169 -0.82 -7.15 -31.77
CA VAL A 169 -1.51 -6.91 -30.51
C VAL A 169 -2.42 -5.70 -30.67
N GLN A 170 -3.34 -5.55 -29.73
CA GLN A 170 -4.31 -4.46 -29.73
C GLN A 170 -4.61 -4.09 -28.28
N PRO A 171 -4.87 -2.82 -28.00
CA PRO A 171 -5.27 -2.43 -26.65
C PRO A 171 -6.70 -2.86 -26.35
N ILE A 172 -7.03 -2.87 -25.07
CA ILE A 172 -8.34 -3.29 -24.60
C ILE A 172 -9.19 -2.06 -24.32
N GLN A 173 -10.39 -2.02 -24.90
CA GLN A 173 -11.36 -1.00 -24.54
C GLN A 173 -12.00 -1.39 -23.21
N LEU A 174 -11.93 -0.49 -22.22
CA LEU A 174 -12.44 -0.81 -20.89
C LEU A 174 -13.96 -0.83 -20.86
N GLU A 175 -14.60 -0.02 -21.70
CA GLU A 175 -16.06 0.09 -21.72
C GLU A 175 -16.70 -1.29 -21.87
N GLY A 176 -17.63 -1.58 -20.97
CA GLY A 176 -18.34 -2.85 -20.98
C GLY A 176 -17.63 -3.99 -20.28
N LYS A 177 -16.35 -3.85 -19.97
CA LYS A 177 -15.62 -4.91 -19.31
C LYS A 177 -15.93 -4.91 -17.81
N THR A 178 -15.70 -6.06 -17.19
CA THR A 178 -16.06 -6.26 -15.79
C THR A 178 -14.83 -6.02 -14.90
N LEU A 179 -14.97 -5.10 -13.95
CA LEU A 179 -13.97 -4.88 -12.92
C LEU A 179 -14.41 -5.53 -11.63
N GLY A 180 -13.60 -6.44 -11.11
CA GLY A 180 -13.89 -7.04 -9.82
C GLY A 180 -13.09 -6.43 -8.69
N ILE A 181 -13.75 -5.92 -7.65
CA ILE A 181 -13.09 -5.23 -6.55
C ILE A 181 -13.25 -6.06 -5.28
N VAL A 182 -12.13 -6.40 -4.65
CA VAL A 182 -12.14 -7.09 -3.36
C VAL A 182 -11.89 -6.03 -2.29
N GLY A 183 -12.90 -5.78 -1.47
CA GLY A 183 -12.78 -4.79 -0.42
C GLY A 183 -13.39 -3.46 -0.83
N LEU A 184 -14.66 -3.26 -0.48
CA LEU A 184 -15.37 -2.02 -0.79
C LEU A 184 -15.20 -0.99 0.31
N GLY A 185 -13.95 -0.73 0.68
CA GLY A 185 -13.64 0.29 1.67
C GLY A 185 -13.57 1.67 1.06
N MET A 186 -12.77 2.55 1.68
CA MET A 186 -12.64 3.90 1.17
C MET A 186 -12.07 3.91 -0.24
N ILE A 187 -10.95 3.20 -0.44
CA ILE A 187 -10.30 3.21 -1.75
C ILE A 187 -11.06 2.37 -2.76
N GLY A 188 -11.53 1.19 -2.35
CA GLY A 188 -12.28 0.35 -3.27
C GLY A 188 -13.54 1.01 -3.79
N SER A 189 -14.23 1.75 -2.92
CA SER A 189 -15.43 2.47 -3.37
C SER A 189 -15.08 3.55 -4.37
N ALA A 190 -14.01 4.29 -4.11
CA ALA A 190 -13.62 5.38 -5.01
C ALA A 190 -13.21 4.85 -6.39
N VAL A 191 -12.44 3.75 -6.42
CA VAL A 191 -12.09 3.14 -7.69
C VAL A 191 -13.33 2.62 -8.40
N ALA A 192 -14.23 1.98 -7.65
CA ALA A 192 -15.47 1.48 -8.25
C ALA A 192 -16.29 2.60 -8.85
N LYS A 193 -16.39 3.73 -8.14
CA LYS A 193 -17.23 4.83 -8.62
C LYS A 193 -16.72 5.37 -9.95
N ILE A 194 -15.40 5.47 -10.11
CA ILE A 194 -14.85 6.06 -11.33
C ILE A 194 -14.96 5.09 -12.50
N CYS A 195 -14.66 3.80 -12.26
CA CYS A 195 -14.68 2.83 -13.35
C CYS A 195 -16.10 2.54 -13.82
N SER A 196 -17.09 2.66 -12.94
CA SER A 196 -18.46 2.42 -13.35
C SER A 196 -19.02 3.59 -14.15
N THR A 197 -18.84 4.81 -13.65
CA THR A 197 -19.48 5.98 -14.26
C THR A 197 -18.62 6.60 -15.37
N ALA A 198 -17.34 6.86 -15.10
CA ALA A 198 -16.50 7.53 -16.08
C ALA A 198 -15.99 6.55 -17.14
N LEU A 199 -15.68 5.32 -16.76
CA LEU A 199 -15.13 4.33 -17.67
C LEU A 199 -16.17 3.36 -18.22
N GLN A 200 -17.43 3.45 -17.75
CA GLN A 200 -18.51 2.61 -18.24
CA GLN A 200 -18.51 2.61 -18.22
C GLN A 200 -18.18 1.13 -18.10
N MET A 201 -17.56 0.76 -17.00
CA MET A 201 -17.27 -0.64 -16.71
C MET A 201 -18.39 -1.25 -15.87
N ARG A 202 -18.46 -2.57 -15.91
CA ARG A 202 -19.32 -3.33 -15.00
C ARG A 202 -18.51 -3.67 -13.76
N VAL A 203 -18.94 -3.20 -12.61
CA VAL A 203 -18.17 -3.35 -11.37
C VAL A 203 -18.86 -4.36 -10.47
N LEU A 204 -18.13 -5.41 -10.10
CA LEU A 204 -18.53 -6.33 -9.06
C LEU A 204 -17.64 -6.13 -7.85
N ALA A 205 -18.21 -6.28 -6.66
CA ALA A 205 -17.48 -6.07 -5.41
C ALA A 205 -17.72 -7.24 -4.47
N TYR A 206 -16.64 -7.69 -3.82
CA TYR A 206 -16.71 -8.74 -2.81
C TYR A 206 -16.24 -8.17 -1.48
N ASP A 207 -17.13 -8.20 -0.48
CA ASP A 207 -16.83 -7.68 0.85
C ASP A 207 -17.87 -8.20 1.83
N PRO A 208 -17.51 -9.15 2.70
CA PRO A 208 -18.51 -9.75 3.59
C PRO A 208 -19.10 -8.80 4.61
N TYR A 209 -18.46 -7.66 4.88
CA TYR A 209 -18.84 -6.78 5.98
C TYR A 209 -19.40 -5.45 5.47
N VAL A 210 -20.15 -5.50 4.37
CA VAL A 210 -20.64 -4.28 3.72
C VAL A 210 -22.06 -4.51 3.21
N PRO A 211 -22.98 -3.58 3.40
CA PRO A 211 -24.32 -3.75 2.84
C PRO A 211 -24.34 -3.53 1.34
N SER A 212 -25.24 -4.24 0.66
CA SER A 212 -25.31 -4.16 -0.80
C SER A 212 -25.62 -2.74 -1.27
N GLY A 213 -26.28 -1.93 -0.44
CA GLY A 213 -26.52 -0.55 -0.80
C GLY A 213 -25.24 0.24 -0.99
N LYS A 214 -24.17 -0.16 -0.30
CA LYS A 214 -22.89 0.51 -0.50
C LYS A 214 -22.38 0.29 -1.92
N ALA A 215 -22.55 -0.92 -2.45
CA ALA A 215 -22.22 -1.18 -3.84
C ALA A 215 -23.16 -0.44 -4.78
N ASP A 216 -24.45 -0.42 -4.46
CA ASP A 216 -25.41 0.31 -5.29
C ASP A 216 -25.07 1.80 -5.35
N THR A 217 -24.49 2.35 -4.27
CA THR A 217 -24.19 3.78 -4.25
C THR A 217 -23.17 4.15 -5.30
N VAL A 218 -22.16 3.32 -5.50
CA VAL A 218 -21.11 3.58 -6.48
C VAL A 218 -21.37 2.85 -7.79
N ARG A 219 -22.64 2.51 -8.07
CA ARG A 219 -23.02 1.83 -9.32
C ARG A 219 -22.26 0.53 -9.52
N ALA A 220 -22.14 -0.26 -8.45
CA ALA A 220 -21.55 -1.58 -8.49
C ALA A 220 -22.55 -2.58 -7.94
N THR A 221 -22.26 -3.87 -8.17
CA THR A 221 -23.09 -4.96 -7.68
C THR A 221 -22.26 -5.77 -6.68
N LEU A 222 -22.74 -5.82 -5.44
CA LEU A 222 -22.09 -6.66 -4.44
C LEU A 222 -22.36 -8.13 -4.74
N VAL A 223 -21.26 -8.89 -4.71
CA VAL A 223 -21.25 -10.34 -5.03
C VAL A 223 -20.66 -11.10 -3.84
N GLN A 224 -21.43 -12.07 -3.32
CA GLN A 224 -21.02 -12.88 -2.14
C GLN A 224 -20.05 -13.99 -2.58
N ASP A 225 -20.38 -14.74 -3.63
CA ASP A 225 -19.51 -15.82 -4.08
C ASP A 225 -18.27 -15.21 -4.72
N LEU A 226 -17.12 -15.35 -4.05
CA LEU A 226 -15.87 -14.85 -4.62
C LEU A 226 -15.53 -15.56 -5.93
N ASP A 227 -15.97 -16.81 -6.09
CA ASP A 227 -15.79 -17.49 -7.37
C ASP A 227 -16.47 -16.73 -8.49
N TYR A 228 -17.65 -16.16 -8.22
CA TYR A 228 -18.36 -15.41 -9.25
C TYR A 228 -17.54 -14.20 -9.70
N LEU A 229 -17.03 -13.43 -8.74
CA LEU A 229 -16.19 -12.29 -9.08
C LEU A 229 -14.94 -12.74 -9.85
N LEU A 230 -14.34 -13.85 -9.44
CA LEU A 230 -13.13 -14.32 -10.11
C LEU A 230 -13.43 -14.74 -11.55
N THR A 231 -14.51 -15.51 -11.75
CA THR A 231 -14.82 -16.01 -13.08
C THR A 231 -15.41 -14.95 -14.00
N GLU A 232 -15.97 -13.86 -13.45
CA GLU A 232 -16.63 -12.85 -14.26
C GLU A 232 -15.70 -11.71 -14.69
N SER A 233 -14.66 -11.44 -13.92
CA SER A 233 -13.90 -10.20 -14.07
C SER A 233 -12.84 -10.30 -15.17
N ASP A 234 -12.72 -9.22 -15.93
CA ASP A 234 -11.59 -9.00 -16.83
C ASP A 234 -10.45 -8.26 -16.15
N PHE A 235 -10.72 -7.63 -15.01
CA PHE A 235 -9.74 -6.92 -14.21
C PHE A 235 -10.09 -7.11 -12.75
N VAL A 236 -9.13 -7.53 -11.94
CA VAL A 236 -9.33 -7.77 -10.51
C VAL A 236 -8.38 -6.87 -9.74
N SER A 237 -8.94 -5.95 -8.95
CA SER A 237 -8.18 -5.01 -8.14
C SER A 237 -8.42 -5.30 -6.67
N LEU A 238 -7.36 -5.32 -5.89
CA LEU A 238 -7.42 -5.72 -4.48
C LEU A 238 -7.38 -4.47 -3.60
N HIS A 239 -8.44 -4.28 -2.81
CA HIS A 239 -8.40 -3.20 -1.82
C HIS A 239 -8.90 -3.62 -0.44
N PRO A 240 -8.61 -4.83 0.06
CA PRO A 240 -9.15 -5.23 1.36
C PRO A 240 -8.19 -4.89 2.49
N GLU A 241 -8.73 -4.87 3.71
CA GLU A 241 -7.90 -4.77 4.89
C GLU A 241 -7.15 -6.08 5.09
N LEU A 242 -5.88 -5.97 5.50
CA LEU A 242 -5.06 -7.16 5.72
C LEU A 242 -5.43 -7.77 7.05
N THR A 243 -6.15 -8.89 7.01
CA THR A 243 -6.56 -9.63 8.20
C THR A 243 -6.12 -11.09 8.03
N ASP A 244 -6.43 -11.91 9.04
CA ASP A 244 -6.21 -13.35 8.89
C ASP A 244 -7.05 -13.92 7.76
N GLU A 245 -8.21 -13.32 7.50
CA GLU A 245 -9.09 -13.79 6.44
C GLU A 245 -8.52 -13.45 5.06
N THR A 246 -7.96 -12.25 4.91
CA THR A 246 -7.42 -11.82 3.62
C THR A 246 -5.96 -12.15 3.43
N CYS A 247 -5.27 -12.62 4.48
CA CYS A 247 -3.88 -13.01 4.36
C CYS A 247 -3.76 -14.19 3.38
N GLU A 248 -3.04 -13.96 2.28
CA GLU A 248 -2.83 -14.98 1.24
C GLU A 248 -4.14 -15.49 0.66
N MET A 249 -5.19 -14.64 0.65
CA MET A 249 -6.46 -15.07 0.10
C MET A 249 -6.44 -15.18 -1.42
N PHE A 250 -5.43 -14.59 -2.07
CA PHE A 250 -5.26 -14.73 -3.51
C PHE A 250 -4.12 -15.71 -3.74
N ASP A 251 -4.46 -16.98 -3.87
CA ASP A 251 -3.51 -18.07 -4.06
C ASP A 251 -3.77 -18.74 -5.41
N LEU A 252 -3.08 -19.86 -5.64
CA LEU A 252 -3.14 -20.50 -6.95
C LEU A 252 -4.56 -20.90 -7.32
N GLU A 253 -5.36 -21.35 -6.34
CA GLU A 253 -6.74 -21.73 -6.62
C GLU A 253 -7.54 -20.54 -7.13
N ALA A 254 -7.31 -19.36 -6.55
CA ALA A 254 -8.02 -18.17 -7.00
C ALA A 254 -7.57 -17.76 -8.40
N PHE A 255 -6.27 -17.85 -8.68
CA PHE A 255 -5.78 -17.52 -10.02
C PHE A 255 -6.31 -18.50 -11.05
N LYS A 256 -6.47 -19.77 -10.68
CA LYS A 256 -7.02 -20.75 -11.62
C LYS A 256 -8.46 -20.41 -11.97
N LYS A 257 -9.23 -19.90 -11.00
CA LYS A 257 -10.62 -19.53 -11.30
C LYS A 257 -10.69 -18.29 -12.17
N MET A 258 -9.71 -17.40 -12.09
CA MET A 258 -9.71 -16.19 -12.89
C MET A 258 -9.61 -16.52 -14.37
N LYS A 259 -10.08 -15.58 -15.19
CA LYS A 259 -9.91 -15.72 -16.63
C LYS A 259 -8.41 -15.68 -16.98
N PRO A 260 -7.96 -16.51 -17.91
CA PRO A 260 -6.57 -16.38 -18.38
C PRO A 260 -6.28 -15.04 -19.02
N SER A 261 -7.30 -14.31 -19.45
CA SER A 261 -7.14 -12.98 -20.01
C SER A 261 -7.30 -11.88 -18.97
N ALA A 262 -7.58 -12.22 -17.72
CA ALA A 262 -7.79 -11.22 -16.69
C ALA A 262 -6.45 -10.70 -16.17
N PHE A 263 -6.50 -9.53 -15.53
CA PHE A 263 -5.34 -8.91 -14.94
C PHE A 263 -5.56 -8.71 -13.45
N LEU A 264 -4.47 -8.76 -12.68
CA LEU A 264 -4.50 -8.55 -11.25
C LEU A 264 -3.87 -7.20 -10.94
N ILE A 265 -4.53 -6.43 -10.07
CA ILE A 265 -4.00 -5.16 -9.59
C ILE A 265 -3.97 -5.23 -8.08
N ASN A 266 -2.82 -4.92 -7.48
CA ASN A 266 -2.65 -5.03 -6.04
C ASN A 266 -2.00 -3.77 -5.49
N THR A 267 -2.81 -2.91 -4.87
CA THR A 267 -2.34 -1.71 -4.20
C THR A 267 -2.65 -1.75 -2.72
N SER A 268 -3.15 -2.89 -2.22
CA SER A 268 -3.51 -3.03 -0.82
C SER A 268 -2.30 -3.38 0.05
N ARG A 269 -2.11 -4.67 0.31
CA ARG A 269 -0.97 -5.14 1.09
C ARG A 269 -0.35 -6.36 0.41
N GLY A 270 0.98 -6.51 0.56
CA GLY A 270 1.67 -7.61 -0.08
C GLY A 270 1.22 -8.98 0.40
N LYS A 271 0.85 -9.08 1.69
CA LYS A 271 0.44 -10.35 2.26
C LYS A 271 -0.92 -10.84 1.77
N VAL A 272 -1.64 -10.03 0.99
CA VAL A 272 -2.92 -10.49 0.45
C VAL A 272 -2.70 -11.50 -0.66
N VAL A 273 -1.56 -11.42 -1.36
CA VAL A 273 -1.23 -12.35 -2.43
C VAL A 273 -0.14 -13.29 -1.94
N ARG A 274 -0.36 -14.58 -2.11
CA ARG A 274 0.69 -15.57 -1.90
C ARG A 274 1.66 -15.47 -3.07
N GLN A 275 2.82 -14.84 -2.84
CA GLN A 275 3.73 -14.49 -3.92
C GLN A 275 4.11 -15.66 -4.83
N PRO A 276 4.55 -16.82 -4.33
CA PRO A 276 4.89 -17.91 -5.26
C PRO A 276 3.73 -18.35 -6.15
N ASP A 277 2.50 -18.29 -5.64
CA ASP A 277 1.36 -18.66 -6.48
C ASP A 277 1.13 -17.64 -7.59
N LEU A 278 1.48 -16.38 -7.36
CA LEU A 278 1.40 -15.39 -8.44
C LEU A 278 2.46 -15.65 -9.51
N VAL A 279 3.61 -16.19 -9.10
CA VAL A 279 4.65 -16.52 -10.08
C VAL A 279 4.18 -17.66 -10.98
N THR A 280 3.69 -18.74 -10.38
CA THR A 280 3.16 -19.85 -11.17
C THR A 280 2.02 -19.39 -12.07
N ALA A 281 1.11 -18.58 -11.53
CA ALA A 281 -0.04 -18.11 -12.32
C ALA A 281 0.42 -17.33 -13.54
N ILE A 282 1.43 -16.48 -13.38
CA ILE A 282 1.94 -15.71 -14.51
C ILE A 282 2.71 -16.61 -15.46
N ARG A 283 3.62 -17.43 -14.93
CA ARG A 283 4.45 -18.28 -15.77
C ARG A 283 3.60 -19.23 -16.61
N GLU A 284 2.60 -19.86 -15.99
CA GLU A 284 1.75 -20.82 -16.69
C GLU A 284 0.57 -20.16 -17.38
N LYS A 285 0.60 -18.83 -17.53
CA LYS A 285 -0.43 -18.08 -18.26
C LYS A 285 -1.83 -18.38 -17.73
N LEU A 286 -1.94 -18.52 -16.40
CA LEU A 286 -3.24 -18.64 -15.77
C LEU A 286 -3.97 -17.30 -15.73
N ILE A 287 -3.23 -16.19 -15.77
CA ILE A 287 -3.80 -14.84 -15.91
C ILE A 287 -2.91 -14.07 -16.87
N ALA A 288 -3.50 -13.04 -17.50
CA ALA A 288 -2.81 -12.33 -18.57
C ALA A 288 -1.67 -11.45 -18.05
N GLY A 289 -1.64 -11.16 -16.78
CA GLY A 289 -0.62 -10.30 -16.23
C GLY A 289 -1.11 -9.63 -14.95
N ALA A 290 -0.24 -8.78 -14.40
CA ALA A 290 -0.54 -8.16 -13.12
C ALA A 290 0.14 -6.81 -13.03
N ALA A 291 -0.30 -6.02 -12.05
CA ALA A 291 0.32 -4.75 -11.71
C ALA A 291 0.25 -4.63 -10.20
N ILE A 292 1.39 -4.68 -9.53
CA ILE A 292 1.44 -4.71 -8.08
C ILE A 292 2.30 -3.56 -7.57
N ASP A 293 1.83 -2.93 -6.49
CA ASP A 293 2.51 -1.84 -5.81
C ASP A 293 2.98 -2.22 -4.42
N VAL A 294 2.49 -3.33 -3.88
CA VAL A 294 2.83 -3.77 -2.53
C VAL A 294 3.42 -5.17 -2.61
N PHE A 295 4.34 -5.45 -1.68
CA PHE A 295 5.18 -6.65 -1.75
C PHE A 295 5.13 -7.39 -0.42
N GLU A 296 5.61 -8.64 -0.46
CA GLU A 296 5.84 -9.44 0.74
C GLU A 296 7.12 -10.26 0.57
N PRO A 297 8.18 -9.95 1.31
CA PRO A 297 8.19 -8.88 2.31
C PRO A 297 8.55 -7.52 1.72
N GLU A 298 8.50 -6.47 2.54
CA GLU A 298 8.90 -5.14 2.11
C GLU A 298 10.05 -4.64 2.96
N PRO A 299 11.18 -4.21 2.36
CA PRO A 299 11.38 -4.15 0.90
C PRO A 299 11.63 -5.51 0.26
N PRO A 300 11.36 -5.63 -1.04
CA PRO A 300 11.60 -6.90 -1.72
C PRO A 300 13.07 -7.08 -2.04
N ALA A 301 13.47 -8.35 -2.16
CA ALA A 301 14.82 -8.68 -2.56
C ALA A 301 15.09 -8.23 -3.99
N ILE A 302 16.37 -8.03 -4.31
CA ILE A 302 16.74 -7.57 -5.64
C ILE A 302 16.52 -8.64 -6.71
N ASN A 303 16.38 -9.90 -6.29
CA ASN A 303 16.24 -11.03 -7.21
C ASN A 303 14.84 -11.63 -7.14
N ASN A 304 13.83 -10.78 -7.02
CA ASN A 304 12.45 -11.26 -6.92
C ASN A 304 12.08 -11.99 -8.21
N PRO A 305 11.48 -13.18 -8.13
CA PRO A 305 11.17 -13.94 -9.36
C PRO A 305 10.13 -13.28 -10.23
N LEU A 306 9.34 -12.34 -9.70
CA LEU A 306 8.33 -11.66 -10.51
C LEU A 306 8.92 -10.63 -11.46
N TYR A 307 10.13 -10.12 -11.17
CA TYR A 307 10.71 -9.08 -12.03
C TYR A 307 10.95 -9.57 -13.45
N GLU A 308 11.02 -10.89 -13.66
CA GLU A 308 11.37 -11.44 -14.95
C GLU A 308 10.27 -11.23 -16.00
N PHE A 309 9.00 -11.26 -15.57
CA PHE A 309 7.90 -11.25 -16.52
C PHE A 309 7.56 -9.84 -16.98
N ASP A 310 7.36 -9.67 -18.29
CA ASP A 310 7.09 -8.35 -18.84
C ASP A 310 5.65 -7.91 -18.62
N ASN A 311 4.71 -8.84 -18.53
CA ASN A 311 3.31 -8.51 -18.26
C ASN A 311 3.04 -8.26 -16.78
N VAL A 312 4.08 -7.97 -16.01
CA VAL A 312 3.96 -7.64 -14.59
C VAL A 312 4.72 -6.35 -14.36
N ILE A 313 4.00 -5.30 -13.96
CA ILE A 313 4.59 -3.98 -13.79
C ILE A 313 4.52 -3.58 -12.32
N PHE A 314 5.54 -2.84 -11.87
CA PHE A 314 5.75 -2.57 -10.46
C PHE A 314 5.88 -1.08 -10.20
N SER A 315 5.54 -0.69 -8.97
CA SER A 315 5.86 0.62 -8.41
C SER A 315 6.22 0.38 -6.95
N PRO A 316 7.23 1.10 -6.43
CA PRO A 316 7.81 0.77 -5.11
C PRO A 316 6.99 1.30 -3.93
N HIS A 317 5.78 0.78 -3.78
CA HIS A 317 4.86 1.15 -2.70
C HIS A 317 4.72 2.67 -2.60
N LEU A 318 4.20 3.25 -3.68
CA LEU A 318 4.04 4.70 -3.79
C LEU A 318 2.61 5.10 -4.13
N ALA A 319 1.66 4.16 -4.13
CA ALA A 319 0.30 4.49 -4.53
C ALA A 319 -0.32 5.53 -3.61
N GLY A 320 0.10 5.57 -2.35
CA GLY A 320 -0.37 6.56 -1.41
C GLY A 320 0.60 7.69 -1.11
N VAL A 321 1.70 7.79 -1.84
CA VAL A 321 2.73 8.78 -1.54
C VAL A 321 2.75 9.86 -2.62
N THR A 322 1.67 10.60 -2.75
CA THR A 322 1.71 11.83 -3.51
C THR A 322 2.05 12.99 -2.58
N PRO A 323 2.53 14.12 -3.11
CA PRO A 323 2.82 15.27 -2.25
C PRO A 323 1.66 15.68 -1.35
N GLU A 324 0.43 15.72 -1.88
CA GLU A 324 -0.70 16.10 -1.06
C GLU A 324 -0.95 15.07 0.04
N ALA A 325 -0.85 13.78 -0.29
CA ALA A 325 -1.03 12.75 0.72
C ALA A 325 0.16 12.68 1.66
N GLY A 326 1.36 12.87 1.14
CA GLY A 326 2.54 12.88 2.00
C GLY A 326 2.55 14.05 2.97
N MET A 327 1.98 15.18 2.57
CA MET A 327 1.89 16.33 3.45
C MET A 327 0.90 16.09 4.59
N ALA A 328 -0.16 15.32 4.33
CA ALA A 328 -1.14 15.03 5.38
C ALA A 328 -0.56 14.09 6.43
N ALA A 329 0.07 13.00 5.98
CA ALA A 329 0.63 12.03 6.93
C ALA A 329 1.79 12.63 7.70
N ALA A 330 2.57 13.51 7.08
CA ALA A 330 3.68 14.15 7.79
C ALA A 330 3.17 15.07 8.89
N LEU A 331 2.15 15.88 8.59
CA LEU A 331 1.53 16.69 9.63
C LEU A 331 0.91 15.82 10.71
N SER A 332 0.19 14.77 10.31
CA SER A 332 -0.42 13.88 11.29
C SER A 332 0.63 13.22 12.17
N ALA A 333 1.77 12.82 11.59
CA ALA A 333 2.83 12.21 12.38
C ALA A 333 3.43 13.24 13.35
N ALA A 334 3.56 14.49 12.92
CA ALA A 334 4.15 15.50 13.79
C ALA A 334 3.23 15.82 14.96
N ASN A 335 1.93 15.94 14.71
CA ASN A 335 0.99 16.25 15.79
C ASN A 335 1.01 15.17 16.87
N GLN A 336 0.89 13.90 16.46
CA GLN A 336 0.79 12.82 17.43
C GLN A 336 2.05 12.68 18.27
N ILE A 337 3.21 13.01 17.72
CA ILE A 337 4.43 13.04 18.51
C ILE A 337 4.35 14.13 19.57
N LEU A 338 3.99 15.35 19.15
CA LEU A 338 3.91 16.47 20.07
C LEU A 338 2.81 16.25 21.12
N GLN A 339 1.70 15.64 20.73
CA GLN A 339 0.60 15.43 21.67
C GLN A 339 1.01 14.51 22.80
N VAL A 340 1.77 13.46 22.50
CA VAL A 340 2.25 12.57 23.55
C VAL A 340 3.29 13.29 24.41
N LEU A 341 4.19 14.05 23.79
CA LEU A 341 5.15 14.85 24.54
C LEU A 341 4.47 15.89 25.43
N GLN A 342 3.18 16.15 25.23
CA GLN A 342 2.43 17.07 26.06
C GLN A 342 1.27 16.39 26.77
N GLY A 343 1.24 15.07 26.80
CA GLY A 343 0.23 14.34 27.55
C GLY A 343 -1.17 14.41 26.99
N GLU A 344 -1.31 14.39 25.67
CA GLU A 344 -2.61 14.37 25.01
C GLU A 344 -2.72 13.10 24.18
N LYS A 345 -3.88 12.46 24.24
CA LYS A 345 -4.06 11.17 23.57
C LYS A 345 -4.18 11.35 22.06
N PRO A 346 -3.24 10.84 21.26
CA PRO A 346 -3.32 11.01 19.81
C PRO A 346 -4.36 10.08 19.20
N PRO A 347 -4.88 10.40 18.02
CA PRO A 347 -6.01 9.64 17.47
C PRO A 347 -5.68 8.23 17.03
N TYR A 348 -4.42 7.93 16.68
CA TYR A 348 -4.12 6.64 16.07
C TYR A 348 -3.12 5.84 16.89
N ILE A 349 -3.48 5.50 18.12
CA ILE A 349 -2.59 4.71 18.97
C ILE A 349 -2.70 3.24 18.58
N ILE A 350 -1.56 2.61 18.31
CA ILE A 350 -1.56 1.20 17.95
C ILE A 350 -1.71 0.31 19.17
N ASN A 351 -1.17 0.74 20.32
CA ASN A 351 -1.16 -0.03 21.56
C ASN A 351 -1.83 0.78 22.66
N PRO A 352 -3.17 0.83 22.68
CA PRO A 352 -3.86 1.68 23.66
C PRO A 352 -3.69 1.23 25.11
N LYS A 353 -3.03 0.11 25.36
CA LYS A 353 -2.86 -0.43 26.70
C LYS A 353 -1.75 0.26 27.48
N VAL A 354 -1.29 1.43 27.05
CA VAL A 354 -0.22 2.14 27.74
C VAL A 354 -0.64 3.58 28.04
PA NAD B . -10.66 0.36 4.45
O1A NAD B . -10.45 0.25 5.94
O2A NAD B . -11.30 1.69 4.11
O5B NAD B . -11.63 -0.88 3.93
C5B NAD B . -11.05 -2.04 3.54
C4B NAD B . -12.17 -3.04 3.25
O4B NAD B . -11.74 -4.29 3.37
C3B NAD B . -13.29 -2.85 4.31
O3B NAD B . -14.39 -2.36 3.73
C2B NAD B . -13.54 -4.30 4.79
O2B NAD B . -15.00 -4.57 4.89
C1B NAD B . -12.92 -5.03 3.60
N9A NAD B . -12.69 -6.40 3.90
C8A NAD B . -12.30 -6.83 5.10
N7A NAD B . -12.19 -8.16 5.04
C5A NAD B . -12.50 -8.55 3.80
C6A NAD B . -12.53 -9.78 3.20
N6A NAD B . -12.24 -11.08 3.78
N1A NAD B . -12.89 -9.88 1.93
C2A NAD B . -13.20 -8.77 1.21
N3A NAD B . -13.16 -7.56 1.81
C4A NAD B . -12.81 -7.46 3.10
O3 NAD B . -9.19 0.26 3.69
PN NAD B . -8.71 1.39 2.54
O1N NAD B . -8.37 2.68 3.23
O2N NAD B . -9.84 1.62 1.57
O5D NAD B . -7.38 0.83 1.71
C5D NAD B . -7.43 -0.43 1.13
C4D NAD B . -6.08 -1.05 1.19
O4D NAD B . -5.20 -0.22 0.67
C3D NAD B . -5.66 -1.34 2.75
O3D NAD B . -5.10 -2.72 2.86
C2D NAD B . -4.58 -0.31 3.02
O2D NAD B . -3.53 -0.84 3.97
C1D NAD B . -3.99 -0.17 1.54
N1N NAD B . -3.32 0.99 1.38
C2N NAD B . -2.23 1.01 0.59
C3N NAD B . -1.52 2.19 0.40
C7N NAD B . -0.27 2.17 -0.51
O7N NAD B . 0.60 3.00 -0.37
N7N NAD B . -0.15 1.15 -1.55
C4N NAD B . -1.93 3.34 1.01
C5N NAD B . -3.03 3.32 1.81
C6N NAD B . -3.75 2.13 1.99
CAC FLC C . 3.81 4.03 4.55
CA FLC C . 3.51 4.14 3.05
CB FLC C . 2.06 4.53 2.80
CBC FLC C . 1.16 3.43 3.36
CG FLC C . 1.75 5.86 3.47
CGC FLC C . 0.48 6.50 2.91
OA1 FLC C . 4.34 4.99 5.16
OA2 FLC C . 3.54 2.98 5.18
OB1 FLC C . 0.26 3.70 4.20
OB2 FLC C . 1.34 2.23 2.99
OG1 FLC C . 0.24 7.72 3.11
OG2 FLC C . -0.34 5.81 2.25
OHB FLC C . 1.85 4.63 1.41
#